data_5VBS
#
_entry.id   5VBS
#
_cell.length_a   54.999
_cell.length_b   145.643
_cell.length_c   46.876
_cell.angle_alpha   90.000
_cell.angle_beta   90.000
_cell.angle_gamma   90.000
#
_symmetry.space_group_name_H-M   'P 21 21 2'
#
loop_
_entity.id
_entity.type
_entity.pdbx_description
1 polymer 'reverse transcriptase catalytic fragment'
2 polymer "DNA (5'-D(*CP*TP*TP*AP*TP*(DX)P*(DX)P*T)-3')"
3 polymer "DNA (5'-D(P*AP*(93D)P*(93D)P*AP*TP*AP*AP*G)-3')"
4 water water
#
loop_
_entity_poly.entity_id
_entity_poly.type
_entity_poly.pdbx_seq_one_letter_code
_entity_poly.pdbx_strand_id
1 'polypeptide(L)'
;GSHMTWLSDFPQAWAETGGMGLAVRQAPLIIPLKATSTPVSIKQYPMSQEARLGIKPHIQRLLDQGILVPCQSPWNTPLL
PVKKPGTNDYRPVQDLREVNKRVEDIHPTVPNPYNLLSGLPPSHQWYTVLDLKDAFFCLRLHPTSQPLFAFEWRDPEMGI
SGQLTWTRLPQGFKNSPTLFDEALHRDLADFRIQHPDLILLQYVDDLLLAATSELDCQQGTRALLQTLGNLGYRASAKKA
QICQKQVKYLGYLLKEGQR
;
A
2 'polydeoxyribonucleotide' (DC)(DT)(DT)(DA)(DT)(DX)(DX)(DT) B
3 'polydeoxyribonucleotide' (DA)(93D)(93D)(DA)(DT)(DA)(DA)(DG) G
#
loop_
_chem_comp.id
_chem_comp.type
_chem_comp.name
_chem_comp.formula
93D DNA linking (1R)-1,4-anhydro-2-deoxy-1-(2,4-diaminopyrimidin-5-yl)-5-O-phosphono-D-erythro-pentitol 'C9 H15 N4 O6 P'
DA DNA linking 2'-DEOXYADENOSINE-5'-MONOPHOSPHATE 'C10 H14 N5 O6 P'
DC DNA linking 2'-DEOXYCYTIDINE-5'-MONOPHOSPHATE 'C9 H14 N3 O7 P'
DG DNA linking 2'-DEOXYGUANOSINE-5'-MONOPHOSPHATE 'C10 H14 N5 O7 P'
DT DNA linking THYMIDINE-5'-MONOPHOSPHATE 'C10 H15 N2 O8 P'
DX DNA linking '[(2~{R},3~{S},5~{R})-5-[2,4-bis(oxidanylidene)imidazo[1,2-a][1,3,5]triazin-8-yl]-3-oxidanyl-oxolan-2-yl]methyl dihydrogen phosphate' 'C10 H13 N4 O8 P'
#
# COMPACT_ATOMS: atom_id res chain seq x y z
N THR A 5 -0.95 -1.90 -26.59
CA THR A 5 -0.12 -1.18 -25.62
C THR A 5 -0.11 -1.87 -24.27
N TRP A 6 0.81 -1.45 -23.40
CA TRP A 6 0.91 -2.01 -22.06
C TRP A 6 -0.39 -1.85 -21.29
N LEU A 7 -1.06 -0.72 -21.50
CA LEU A 7 -2.39 -0.49 -20.94
C LEU A 7 -3.37 -1.58 -21.38
N SER A 8 -3.50 -1.76 -22.68
CA SER A 8 -4.53 -2.63 -23.24
C SER A 8 -4.33 -4.10 -22.92
N ASP A 9 -3.07 -4.55 -22.92
CA ASP A 9 -2.75 -5.95 -22.68
C ASP A 9 -2.98 -6.40 -21.24
N PHE A 10 -2.97 -5.46 -20.29
CA PHE A 10 -3.14 -5.82 -18.88
C PHE A 10 -4.12 -4.94 -18.13
N PRO A 11 -5.41 -4.99 -18.52
CA PRO A 11 -6.40 -4.09 -17.92
C PRO A 11 -6.52 -4.29 -16.42
N GLN A 12 -6.38 -5.52 -15.97
CA GLN A 12 -6.53 -5.85 -14.56
C GLN A 12 -5.38 -5.33 -13.69
N ALA A 13 -4.19 -5.19 -14.28
CA ALA A 13 -2.99 -4.84 -13.51
C ALA A 13 -2.88 -3.36 -13.15
N TRP A 14 -3.52 -2.49 -13.94
CA TRP A 14 -3.35 -1.05 -13.75
C TRP A 14 -4.46 -0.44 -12.92
N ALA A 15 -4.12 0.50 -12.05
CA ALA A 15 -5.10 1.18 -11.20
C ALA A 15 -6.13 1.92 -12.06
N GLU A 16 -5.66 2.45 -13.19
CA GLU A 16 -6.49 3.26 -14.07
C GLU A 16 -7.64 2.48 -14.69
N THR A 17 -7.50 1.16 -14.82
CA THR A 17 -8.48 0.35 -15.53
C THR A 17 -8.98 -0.89 -14.79
N GLY A 18 -8.39 -1.19 -13.63
CA GLY A 18 -8.68 -2.47 -12.99
C GLY A 18 -9.56 -2.39 -11.76
N GLY A 19 -9.92 -1.18 -11.36
CA GLY A 19 -10.68 -0.99 -10.15
C GLY A 19 -9.77 -1.03 -8.93
N MET A 20 -10.32 -0.68 -7.77
CA MET A 20 -9.56 -0.70 -6.52
C MET A 20 -9.12 -2.14 -6.26
N GLY A 21 -7.89 -2.30 -5.80
CA GLY A 21 -7.34 -3.61 -5.51
C GLY A 21 -7.88 -4.24 -4.24
N LEU A 22 -7.57 -5.52 -4.08
CA LEU A 22 -7.94 -6.33 -2.91
C LEU A 22 -7.09 -7.56 -3.07
N ALA A 23 -6.21 -7.79 -2.12
CA ALA A 23 -5.28 -8.92 -2.17
C ALA A 23 -5.99 -10.21 -1.77
N VAL A 24 -6.49 -10.95 -2.77
CA VAL A 24 -7.44 -12.02 -2.49
C VAL A 24 -6.85 -13.25 -1.82
N ARG A 25 -5.53 -13.39 -1.90
CA ARG A 25 -4.84 -14.56 -1.35
C ARG A 25 -4.46 -14.35 0.09
N GLN A 26 -4.57 -13.11 0.57
CA GLN A 26 -4.06 -12.75 1.90
C GLN A 26 -5.17 -12.77 2.93
N ALA A 27 -5.00 -13.57 3.99
CA ALA A 27 -6.00 -13.58 5.05
C ALA A 27 -6.14 -12.18 5.69
N PRO A 28 -7.36 -11.80 6.06
CA PRO A 28 -7.57 -10.53 6.78
C PRO A 28 -6.66 -10.48 8.01
N LEU A 29 -6.02 -9.33 8.20
CA LEU A 29 -4.97 -9.18 9.20
C LEU A 29 -5.52 -8.97 10.59
N ILE A 30 -4.98 -9.71 11.56
CA ILE A 30 -5.31 -9.50 12.96
C ILE A 30 -4.16 -8.71 13.56
N ILE A 31 -4.48 -7.68 14.31
CA ILE A 31 -3.48 -6.75 14.87
C ILE A 31 -3.35 -6.95 16.38
N PRO A 32 -2.32 -7.69 16.84
CA PRO A 32 -2.23 -7.94 18.28
C PRO A 32 -1.91 -6.69 19.09
N LEU A 33 -2.60 -6.53 20.22
CA LEU A 33 -2.31 -5.43 21.13
C LEU A 33 -1.24 -5.84 22.13
N LYS A 34 -0.56 -4.84 22.69
CA LYS A 34 0.33 -5.05 23.83
C LYS A 34 -0.45 -5.66 24.99
N ALA A 35 0.26 -6.37 25.87
CA ALA A 35 -0.41 -7.16 26.90
C ALA A 35 -1.26 -6.35 27.86
N THR A 36 -0.88 -5.09 28.09
CA THR A 36 -1.58 -4.24 29.04
C THR A 36 -2.55 -3.24 28.41
N SER A 37 -2.67 -3.23 27.09
CA SER A 37 -3.48 -2.19 26.44
C SER A 37 -4.99 -2.24 26.71
N THR A 38 -5.61 -1.06 26.85
CA THR A 38 -7.07 -0.96 26.81
C THR A 38 -7.42 0.14 25.81
N PRO A 39 -8.68 0.19 25.34
CA PRO A 39 -9.02 1.20 24.33
C PRO A 39 -8.84 2.64 24.81
N VAL A 40 -8.50 3.51 23.87
CA VAL A 40 -8.38 4.93 24.12
C VAL A 40 -9.40 5.62 23.20
N SER A 41 -10.18 6.54 23.75
CA SER A 41 -11.15 7.29 22.96
C SER A 41 -10.81 8.76 23.06
N ILE A 42 -10.21 9.30 22.00
CA ILE A 42 -9.79 10.70 21.97
C ILE A 42 -10.85 11.52 21.26
N LYS A 43 -11.26 12.63 21.88
CA LYS A 43 -12.28 13.47 21.28
C LYS A 43 -11.77 14.11 19.99
N GLN A 44 -12.68 14.23 19.03
CA GLN A 44 -12.41 14.89 17.77
C GLN A 44 -12.44 16.41 17.96
N TYR A 45 -11.33 17.09 17.67
CA TYR A 45 -11.33 18.55 17.68
C TYR A 45 -12.32 19.01 16.62
N PRO A 46 -13.09 20.06 16.91
CA PRO A 46 -14.10 20.53 15.95
C PRO A 46 -13.47 20.86 14.61
N MET A 47 -14.11 20.42 13.55
CA MET A 47 -13.57 20.65 12.23
C MET A 47 -14.36 21.78 11.57
N SER A 48 -13.66 22.73 10.96
CA SER A 48 -14.32 23.82 10.25
C SER A 48 -15.16 23.29 9.10
N GLN A 49 -16.15 24.05 8.66
CA GLN A 49 -16.92 23.60 7.52
C GLN A 49 -16.02 23.46 6.29
N GLU A 50 -15.04 24.34 6.15
CA GLU A 50 -14.16 24.30 4.98
C GLU A 50 -13.46 22.95 4.90
N ALA A 51 -12.94 22.51 6.05
CA ALA A 51 -12.20 21.24 6.08
C ALA A 51 -13.16 20.07 5.88
N ARG A 52 -14.32 20.14 6.53
CA ARG A 52 -15.32 19.09 6.38
C ARG A 52 -15.78 18.94 4.92
N LEU A 53 -16.02 20.05 4.22
CA LEU A 53 -16.41 19.94 2.81
C LEU A 53 -15.26 19.42 1.95
N GLY A 54 -14.03 19.73 2.34
CA GLY A 54 -12.86 19.24 1.64
C GLY A 54 -12.73 17.73 1.76
N ILE A 55 -12.94 17.24 2.98
CA ILE A 55 -12.74 15.83 3.30
C ILE A 55 -13.89 14.97 2.78
N LYS A 56 -15.09 15.54 2.81
CA LYS A 56 -16.31 14.78 2.58
C LYS A 56 -16.33 13.87 1.34
N PRO A 57 -15.88 14.35 0.16
CA PRO A 57 -16.02 13.43 -0.97
C PRO A 57 -15.04 12.26 -0.89
N HIS A 58 -13.96 12.41 -0.14
CA HIS A 58 -13.02 11.29 0.05
C HIS A 58 -13.66 10.24 0.94
N ILE A 59 -14.30 10.69 2.01
CA ILE A 59 -15.03 9.78 2.89
C ILE A 59 -16.11 9.03 2.13
N GLN A 60 -16.83 9.76 1.28
CA GLN A 60 -17.94 9.14 0.57
C GLN A 60 -17.44 8.09 -0.41
N ARG A 61 -16.33 8.36 -1.08
CA ARG A 61 -15.74 7.39 -2.03
C ARG A 61 -15.31 6.13 -1.29
N LEU A 62 -14.66 6.32 -0.14
CA LEU A 62 -14.20 5.17 0.66
C LEU A 62 -15.35 4.35 1.19
N LEU A 63 -16.45 5.00 1.56
CA LEU A 63 -17.64 4.29 1.97
C LEU A 63 -18.18 3.49 0.80
N ASP A 64 -18.25 4.12 -0.38
CA ASP A 64 -18.75 3.43 -1.56
C ASP A 64 -17.89 2.21 -1.91
N GLN A 65 -16.59 2.34 -1.71
CA GLN A 65 -15.65 1.26 -1.98
C GLN A 65 -15.62 0.19 -0.88
N GLY A 66 -16.30 0.46 0.24
CA GLY A 66 -16.35 -0.49 1.34
C GLY A 66 -15.09 -0.48 2.18
N ILE A 67 -14.23 0.50 1.94
CA ILE A 67 -12.96 0.64 2.65
C ILE A 67 -13.18 1.28 4.03
N LEU A 68 -14.20 2.15 4.12
CA LEU A 68 -14.72 2.62 5.39
C LEU A 68 -16.10 2.02 5.62
N VAL A 69 -16.44 1.74 6.88
CA VAL A 69 -17.77 1.27 7.27
C VAL A 69 -18.19 1.94 8.58
N PRO A 70 -19.50 2.13 8.79
CA PRO A 70 -19.96 2.59 10.10
C PRO A 70 -19.57 1.61 11.18
N CYS A 71 -19.32 2.13 12.38
CA CYS A 71 -19.15 1.29 13.53
C CYS A 71 -19.44 2.04 14.83
N GLN A 72 -19.51 1.28 15.92
CA GLN A 72 -19.46 1.81 17.27
C GLN A 72 -18.29 1.14 17.96
N SER A 73 -17.31 1.93 18.37
CA SER A 73 -16.08 1.39 18.93
C SER A 73 -15.64 2.14 20.19
N PRO A 74 -15.06 1.43 21.16
CA PRO A 74 -14.51 2.12 22.34
C PRO A 74 -13.19 2.81 22.03
N TRP A 75 -12.66 2.56 20.83
CA TRP A 75 -11.48 3.26 20.33
C TRP A 75 -11.93 4.45 19.54
N ASN A 76 -11.20 5.55 19.62
CA ASN A 76 -11.43 6.67 18.73
C ASN A 76 -10.19 7.55 18.64
N THR A 77 -9.77 7.85 17.41
CA THR A 77 -8.69 8.80 17.20
C THR A 77 -9.13 9.93 16.24
N PRO A 78 -8.48 11.09 16.35
CA PRO A 78 -8.95 12.25 15.60
C PRO A 78 -8.49 12.30 14.15
N LEU A 79 -9.32 12.90 13.30
CA LEU A 79 -8.92 13.35 11.98
C LEU A 79 -8.37 14.76 12.08
N LEU A 80 -7.32 15.08 11.32
CA LEU A 80 -6.72 16.41 11.39
C LEU A 80 -7.60 17.49 10.77
N PRO A 81 -7.85 18.58 11.51
CA PRO A 81 -8.79 19.64 11.12
C PRO A 81 -8.28 20.60 10.06
N VAL A 82 -7.02 20.48 9.66
CA VAL A 82 -6.42 21.39 8.68
C VAL A 82 -5.81 20.64 7.51
N LYS A 83 -5.77 19.30 7.62
CA LYS A 83 -5.20 18.39 6.60
C LYS A 83 -5.06 18.95 5.19
N ASP A 89 -6.55 21.37 -1.06
CA ASP A 89 -5.98 20.02 -1.15
C ASP A 89 -6.33 19.17 0.08
N TYR A 90 -7.57 19.28 0.54
CA TYR A 90 -8.00 18.54 1.72
C TYR A 90 -8.16 17.04 1.47
N ARG A 91 -7.45 16.24 2.26
CA ARG A 91 -7.64 14.79 2.30
C ARG A 91 -7.45 14.34 3.75
N PRO A 92 -8.25 13.38 4.22
CA PRO A 92 -8.28 13.12 5.67
C PRO A 92 -7.02 12.43 6.17
N VAL A 93 -6.42 12.95 7.26
CA VAL A 93 -5.26 12.34 7.90
C VAL A 93 -5.63 12.03 9.35
N GLN A 94 -5.52 10.75 9.71
CA GLN A 94 -5.87 10.31 11.04
C GLN A 94 -4.65 10.30 11.95
N ASP A 95 -4.78 10.83 13.16
CA ASP A 95 -3.67 10.76 14.12
C ASP A 95 -3.78 9.48 14.93
N LEU A 96 -3.05 8.45 14.48
CA LEU A 96 -3.12 7.14 15.11
C LEU A 96 -2.04 6.92 16.16
N ARG A 97 -1.41 7.99 16.64
CA ARG A 97 -0.28 7.78 17.55
C ARG A 97 -0.68 7.06 18.84
N GLU A 98 -1.85 7.35 19.41
CA GLU A 98 -2.27 6.68 20.65
C GLU A 98 -2.66 5.23 20.40
N VAL A 99 -3.11 4.92 19.19
CA VAL A 99 -3.33 3.52 18.82
C VAL A 99 -1.99 2.79 18.64
N ASN A 100 -1.08 3.40 17.90
CA ASN A 100 0.25 2.83 17.67
C ASN A 100 0.94 2.46 18.97
N LYS A 101 0.84 3.32 19.97
CA LYS A 101 1.45 3.04 21.30
C LYS A 101 0.91 1.78 21.95
N ARG A 102 -0.30 1.37 21.58
CA ARG A 102 -0.96 0.27 22.28
C ARG A 102 -0.89 -1.03 21.47
N VAL A 103 -0.32 -0.95 20.27
CA VAL A 103 -0.20 -2.11 19.40
C VAL A 103 1.16 -2.78 19.59
N GLU A 104 1.19 -4.10 19.70
CA GLU A 104 2.43 -4.84 19.91
C GLU A 104 3.40 -4.58 18.76
N ASP A 105 4.66 -4.36 19.10
CA ASP A 105 5.71 -4.13 18.11
C ASP A 105 5.96 -5.37 17.27
N ILE A 106 6.33 -5.17 16.01
CA ILE A 106 6.83 -6.26 15.18
C ILE A 106 8.24 -5.92 14.68
N HIS A 107 9.02 -6.94 14.35
CA HIS A 107 10.37 -6.71 13.83
C HIS A 107 10.30 -5.94 12.51
N PRO A 108 11.14 -4.91 12.36
CA PRO A 108 11.14 -4.14 11.10
C PRO A 108 11.90 -4.89 10.01
N THR A 109 11.18 -5.50 9.08
CA THR A 109 11.81 -6.35 8.08
C THR A 109 12.03 -5.69 6.72
N VAL A 110 11.51 -4.47 6.53
CA VAL A 110 11.74 -3.78 5.26
C VAL A 110 13.19 -3.31 5.23
N PRO A 111 13.95 -3.73 4.21
CA PRO A 111 15.36 -3.31 4.10
C PRO A 111 15.46 -1.82 3.79
N ASN A 112 16.52 -1.14 4.21
CA ASN A 112 16.68 0.24 3.77
C ASN A 112 17.12 0.25 2.30
N PRO A 113 16.72 1.29 1.56
CA PRO A 113 16.97 1.38 0.12
C PRO A 113 18.42 1.10 -0.26
N TYR A 114 19.36 1.62 0.53
CA TYR A 114 20.77 1.41 0.23
C TYR A 114 21.10 -0.08 0.12
N ASN A 115 20.70 -0.84 1.15
CA ASN A 115 20.97 -2.27 1.15
C ASN A 115 20.19 -2.99 0.08
N LEU A 116 18.94 -2.59 -0.12
CA LEU A 116 18.12 -3.21 -1.15
C LEU A 116 18.79 -3.11 -2.51
N LEU A 117 19.36 -1.95 -2.83
CA LEU A 117 19.93 -1.76 -4.17
C LEU A 117 21.25 -2.48 -4.35
N SER A 118 21.86 -2.90 -3.24
CA SER A 118 23.09 -3.68 -3.31
C SER A 118 22.86 -5.02 -3.99
N GLY A 119 21.61 -5.47 -4.04
CA GLY A 119 21.26 -6.72 -4.68
C GLY A 119 20.96 -6.58 -6.17
N LEU A 120 21.40 -5.47 -6.75
CA LEU A 120 21.20 -5.24 -8.18
C LEU A 120 22.53 -5.36 -8.92
N PRO A 121 22.76 -6.50 -9.59
CA PRO A 121 24.03 -6.80 -10.28
C PRO A 121 24.18 -6.09 -11.63
N PRO A 122 25.43 -5.86 -12.04
CA PRO A 122 25.74 -5.18 -13.31
C PRO A 122 25.26 -5.94 -14.54
N SER A 123 25.05 -7.25 -14.41
CA SER A 123 24.57 -8.08 -15.51
C SER A 123 23.15 -7.75 -15.95
N HIS A 124 22.38 -7.12 -15.06
CA HIS A 124 20.97 -6.82 -15.33
C HIS A 124 20.74 -5.32 -15.46
N GLN A 125 20.74 -4.79 -16.67
CA GLN A 125 20.67 -3.34 -16.83
C GLN A 125 19.45 -2.86 -17.60
N TRP A 126 18.48 -3.74 -17.79
CA TRP A 126 17.17 -3.35 -18.32
C TRP A 126 16.16 -3.35 -17.18
N TYR A 127 15.46 -2.23 -17.00
CA TYR A 127 14.62 -2.05 -15.81
C TYR A 127 13.15 -1.76 -16.09
N THR A 128 12.30 -2.28 -15.20
CA THR A 128 10.92 -1.85 -15.11
C THR A 128 10.67 -1.43 -13.67
N VAL A 129 10.07 -0.28 -13.49
CA VAL A 129 9.72 0.20 -12.16
C VAL A 129 8.22 0.42 -12.09
N LEU A 130 7.58 -0.18 -11.08
CA LEU A 130 6.15 -0.06 -10.87
C LEU A 130 5.92 0.44 -9.47
N ASP A 131 4.91 1.27 -9.26
CA ASP A 131 4.48 1.56 -7.90
C ASP A 131 3.03 1.14 -7.78
N LEU A 132 2.73 0.42 -6.71
CA LEU A 132 1.38 -0.05 -6.46
C LEU A 132 0.55 1.08 -5.89
N LYS A 133 -0.64 1.27 -6.46
CA LYS A 133 -1.54 2.32 -6.00
C LYS A 133 -2.41 1.83 -4.85
N ASP A 134 -2.52 2.66 -3.82
CA ASP A 134 -3.39 2.40 -2.65
C ASP A 134 -3.06 1.02 -2.10
N ALA A 135 -1.77 0.78 -1.93
CA ALA A 135 -1.28 -0.56 -1.59
C ALA A 135 -1.85 -1.05 -0.27
N PHE A 136 -1.78 -0.21 0.77
CA PHE A 136 -2.24 -0.68 2.10
C PHE A 136 -3.70 -1.07 2.02
N PHE A 137 -4.47 -0.32 1.25
CA PHE A 137 -5.89 -0.59 1.14
C PHE A 137 -6.20 -1.93 0.44
N CYS A 138 -5.20 -2.53 -0.19
CA CYS A 138 -5.43 -3.85 -0.80
C CYS A 138 -5.46 -4.96 0.26
N LEU A 139 -4.92 -4.68 1.43
CA LEU A 139 -4.88 -5.69 2.50
C LEU A 139 -6.06 -5.54 3.44
N ARG A 140 -6.88 -6.58 3.51
CA ARG A 140 -8.00 -6.57 4.45
C ARG A 140 -7.58 -6.65 5.92
N LEU A 141 -8.36 -5.99 6.76
CA LEU A 141 -8.26 -6.13 8.22
C LEU A 141 -9.30 -7.11 8.72
N HIS A 142 -8.93 -8.00 9.63
CA HIS A 142 -9.91 -8.89 10.27
C HIS A 142 -10.95 -8.05 11.02
N PRO A 143 -12.23 -8.46 11.01
CA PRO A 143 -13.26 -7.71 11.73
C PRO A 143 -12.94 -7.47 13.20
N THR A 144 -12.17 -8.36 13.83
CA THR A 144 -11.83 -8.17 15.23
C THR A 144 -10.89 -6.99 15.44
N SER A 145 -10.09 -6.69 14.41
CA SER A 145 -9.14 -5.60 14.50
C SER A 145 -9.69 -4.28 13.93
N GLN A 146 -10.78 -4.32 13.19
CA GLN A 146 -11.29 -3.07 12.61
C GLN A 146 -11.63 -1.97 13.62
N PRO A 147 -12.23 -2.32 14.78
CA PRO A 147 -12.64 -1.22 15.67
C PRO A 147 -11.47 -0.40 16.20
N LEU A 148 -10.27 -0.95 16.17
CA LEU A 148 -9.07 -0.26 16.66
C LEU A 148 -8.91 1.12 16.00
N PHE A 149 -9.32 1.23 14.75
CA PHE A 149 -8.92 2.39 13.95
C PHE A 149 -10.07 3.38 13.72
N ALA A 150 -11.06 3.34 14.61
CA ALA A 150 -12.28 4.13 14.42
C ALA A 150 -12.07 5.64 14.62
N PHE A 151 -12.88 6.43 13.93
CA PHE A 151 -12.84 7.88 14.09
C PHE A 151 -14.24 8.41 13.91
N GLU A 152 -14.46 9.66 14.30
CA GLU A 152 -15.80 10.24 14.24
C GLU A 152 -16.05 10.91 12.89
N TRP A 153 -17.27 10.76 12.38
CA TRP A 153 -17.63 11.52 11.18
C TRP A 153 -19.04 12.10 11.30
N ARG A 154 -19.14 13.40 11.02
CA ARG A 154 -20.36 14.18 11.19
C ARG A 154 -20.80 14.88 9.89
N ASP A 155 -22.10 14.95 9.63
CA ASP A 155 -22.55 15.76 8.49
C ASP A 155 -23.64 16.84 8.78
N PRO A 156 -23.29 17.85 9.60
CA PRO A 156 -24.14 19.03 9.85
C PRO A 156 -24.91 19.54 8.64
N SER A 161 -24.46 10.51 11.97
CA SER A 161 -23.61 11.07 13.00
C SER A 161 -23.11 9.99 13.94
N GLY A 162 -21.87 9.56 13.77
CA GLY A 162 -21.31 8.47 14.54
C GLY A 162 -19.87 8.19 14.15
N GLN A 163 -19.45 6.95 14.33
CA GLN A 163 -18.08 6.58 13.98
C GLN A 163 -18.02 5.81 12.65
N LEU A 164 -16.88 5.93 11.98
CA LEU A 164 -16.51 5.05 10.87
C LEU A 164 -15.22 4.32 11.22
N THR A 165 -14.95 3.20 10.56
CA THR A 165 -13.61 2.63 10.67
C THR A 165 -13.19 1.95 9.37
N TRP A 166 -11.94 1.52 9.34
CA TRP A 166 -11.30 0.98 8.16
C TRP A 166 -11.48 -0.52 8.06
N THR A 167 -11.71 -1.03 6.85
CA THR A 167 -11.77 -2.48 6.67
C THR A 167 -10.49 -3.00 6.04
N ARG A 168 -9.56 -2.09 5.80
CA ARG A 168 -8.27 -2.37 5.18
C ARG A 168 -7.16 -1.75 6.01
N LEU A 169 -5.93 -2.21 5.78
CA LEU A 169 -4.77 -1.67 6.47
C LEU A 169 -4.68 -0.15 6.28
N PRO A 170 -4.69 0.62 7.38
CA PRO A 170 -4.82 2.08 7.26
C PRO A 170 -3.51 2.85 7.13
N GLN A 171 -3.58 4.02 6.50
CA GLN A 171 -2.50 4.99 6.60
C GLN A 171 -2.29 5.45 8.05
N GLY A 172 -1.04 5.70 8.42
CA GLY A 172 -0.72 6.25 9.73
C GLY A 172 -0.51 5.20 10.83
N PHE A 173 -0.82 3.95 10.49
CA PHE A 173 -0.62 2.83 11.40
C PHE A 173 0.83 2.36 11.31
N LYS A 174 1.47 2.20 12.46
CA LYS A 174 2.92 2.06 12.49
C LYS A 174 3.41 0.81 11.76
N ASN A 175 2.59 -0.23 11.73
CA ASN A 175 3.02 -1.48 11.11
C ASN A 175 2.55 -1.69 9.68
N SER A 176 1.88 -0.70 9.10
CA SER A 176 1.38 -0.91 7.74
C SER A 176 2.47 -1.17 6.70
N PRO A 177 3.57 -0.37 6.70
CA PRO A 177 4.59 -0.64 5.67
C PRO A 177 5.18 -2.04 5.78
N THR A 178 5.51 -2.46 6.99
CA THR A 178 6.10 -3.79 7.18
C THR A 178 5.12 -4.91 6.85
N LEU A 179 3.89 -4.81 7.32
CA LEU A 179 2.89 -5.83 7.01
C LEU A 179 2.60 -5.91 5.51
N PHE A 180 2.58 -4.77 4.82
CA PHE A 180 2.36 -4.83 3.39
C PHE A 180 3.54 -5.51 2.67
N ASP A 181 4.76 -5.13 3.06
CA ASP A 181 5.98 -5.65 2.43
C ASP A 181 6.01 -7.18 2.61
N GLU A 182 5.64 -7.64 3.80
CA GLU A 182 5.68 -9.07 4.06
C GLU A 182 4.59 -9.79 3.27
N ALA A 183 3.42 -9.17 3.16
CA ALA A 183 2.32 -9.79 2.40
C ALA A 183 2.66 -9.91 0.93
N LEU A 184 3.20 -8.84 0.35
CA LEU A 184 3.54 -8.90 -1.07
C LEU A 184 4.67 -9.90 -1.33
N HIS A 185 5.61 -10.02 -0.41
CA HIS A 185 6.68 -11.02 -0.54
C HIS A 185 6.08 -12.43 -0.60
N ARG A 186 5.10 -12.71 0.25
CA ARG A 186 4.42 -14.00 0.18
C ARG A 186 3.74 -14.21 -1.16
N ASP A 187 3.07 -13.16 -1.66
CA ASP A 187 2.31 -13.27 -2.89
C ASP A 187 3.22 -13.34 -4.13
N LEU A 188 4.44 -12.83 -4.03
CA LEU A 188 5.32 -12.83 -5.21
C LEU A 188 6.38 -13.94 -5.12
N ALA A 189 6.28 -14.77 -4.08
CA ALA A 189 7.25 -15.87 -3.89
C ALA A 189 7.34 -16.79 -5.11
N ASP A 190 6.19 -17.17 -5.64
CA ASP A 190 6.15 -18.08 -6.78
C ASP A 190 6.68 -17.43 -8.07
N PHE A 191 6.35 -16.16 -8.26
CA PHE A 191 6.85 -15.42 -9.43
C PHE A 191 8.38 -15.48 -9.46
N ARG A 192 9.00 -15.28 -8.31
CA ARG A 192 10.45 -15.37 -8.18
C ARG A 192 10.97 -16.74 -8.57
N ILE A 193 10.26 -17.78 -8.12
CA ILE A 193 10.65 -19.16 -8.43
C ILE A 193 10.47 -19.47 -9.93
N GLN A 194 9.45 -18.88 -10.54
CA GLN A 194 9.19 -19.11 -11.97
C GLN A 194 10.10 -18.30 -12.87
N HIS A 195 10.71 -17.26 -12.32
CA HIS A 195 11.60 -16.39 -13.10
C HIS A 195 12.91 -16.19 -12.39
N PRO A 196 13.73 -17.25 -12.32
CA PRO A 196 14.96 -17.27 -11.53
C PRO A 196 16.04 -16.35 -12.10
N ASP A 197 15.88 -15.92 -13.35
CA ASP A 197 16.89 -15.09 -13.98
C ASP A 197 16.54 -13.61 -13.94
N LEU A 198 15.37 -13.28 -13.39
CA LEU A 198 15.00 -11.88 -13.16
C LEU A 198 15.38 -11.45 -11.75
N ILE A 199 15.72 -10.17 -11.61
CA ILE A 199 15.92 -9.56 -10.31
C ILE A 199 14.68 -8.75 -9.93
N LEU A 200 14.09 -9.05 -8.79
CA LEU A 200 12.94 -8.29 -8.32
C LEU A 200 13.23 -7.66 -6.96
N LEU A 201 13.27 -6.33 -6.91
CA LEU A 201 13.46 -5.62 -5.66
C LEU A 201 12.12 -5.09 -5.17
N GLN A 202 11.81 -5.31 -3.89
CA GLN A 202 10.57 -4.82 -3.31
C GLN A 202 10.83 -3.86 -2.17
N TYR A 203 10.29 -2.66 -2.25
CA TYR A 203 10.35 -1.74 -1.12
C TYR A 203 8.93 -1.24 -0.84
N VAL A 204 8.23 -1.98 0.02
CA VAL A 204 6.81 -1.78 0.29
C VAL A 204 6.02 -1.75 -1.03
N ASP A 205 5.60 -0.56 -1.50
CA ASP A 205 4.81 -0.50 -2.73
C ASP A 205 5.61 -0.10 -3.99
N ASP A 206 6.93 0.01 -3.86
CA ASP A 206 7.80 0.35 -4.98
C ASP A 206 8.61 -0.86 -5.47
N LEU A 207 8.38 -1.25 -6.71
CA LEU A 207 8.99 -2.45 -7.28
C LEU A 207 9.99 -2.16 -8.42
N LEU A 208 11.13 -2.84 -8.40
CA LEU A 208 12.06 -2.79 -9.52
C LEU A 208 12.30 -4.19 -10.07
N LEU A 209 12.02 -4.35 -11.35
CA LEU A 209 12.32 -5.61 -12.03
C LEU A 209 13.51 -5.36 -12.94
N ALA A 210 14.52 -6.22 -12.85
CA ALA A 210 15.72 -6.07 -13.67
C ALA A 210 15.99 -7.34 -14.47
N ALA A 211 16.37 -7.17 -15.73
CA ALA A 211 16.65 -8.28 -16.61
C ALA A 211 17.90 -8.00 -17.43
N THR A 212 18.42 -9.04 -18.09
CA THR A 212 19.66 -8.94 -18.83
C THR A 212 19.47 -8.36 -20.23
N SER A 213 18.27 -8.52 -20.78
CA SER A 213 18.00 -8.03 -22.13
C SER A 213 16.67 -7.28 -22.20
N GLU A 214 16.48 -6.52 -23.27
CA GLU A 214 15.23 -5.82 -23.47
C GLU A 214 14.08 -6.81 -23.52
N LEU A 215 14.24 -7.84 -24.36
CA LEU A 215 13.21 -8.85 -24.54
C LEU A 215 12.84 -9.56 -23.23
N ASP A 216 13.85 -9.95 -22.45
CA ASP A 216 13.61 -10.60 -21.16
C ASP A 216 12.86 -9.67 -20.21
N CYS A 217 13.20 -8.38 -20.27
CA CYS A 217 12.54 -7.39 -19.44
C CYS A 217 11.10 -7.19 -19.88
N GLN A 218 10.86 -7.29 -21.19
CA GLN A 218 9.49 -7.19 -21.71
C GLN A 218 8.68 -8.38 -21.26
N GLN A 219 9.26 -9.57 -21.38
CA GLN A 219 8.54 -10.79 -21.03
C GLN A 219 8.31 -10.85 -19.53
N GLY A 220 9.33 -10.54 -18.75
CA GLY A 220 9.20 -10.52 -17.29
C GLY A 220 8.16 -9.52 -16.83
N THR A 221 8.17 -8.33 -17.42
CA THR A 221 7.23 -7.29 -17.04
C THR A 221 5.79 -7.71 -17.36
N ARG A 222 5.59 -8.32 -18.53
CA ARG A 222 4.29 -8.91 -18.85
C ARG A 222 3.87 -9.92 -17.78
N ALA A 223 4.78 -10.81 -17.38
CA ALA A 223 4.43 -11.82 -16.39
C ALA A 223 4.15 -11.16 -15.04
N LEU A 224 4.92 -10.14 -14.70
CA LEU A 224 4.75 -9.50 -13.39
C LEU A 224 3.41 -8.75 -13.31
N LEU A 225 3.05 -8.05 -14.38
CA LEU A 225 1.78 -7.35 -14.40
C LEU A 225 0.61 -8.34 -14.33
N GLN A 226 0.72 -9.42 -15.10
CA GLN A 226 -0.32 -10.43 -15.12
C GLN A 226 -0.51 -10.96 -13.71
N THR A 227 0.61 -11.26 -13.06
CA THR A 227 0.60 -11.81 -11.72
C THR A 227 0.04 -10.83 -10.69
N LEU A 228 0.54 -9.60 -10.68
CA LEU A 228 0.02 -8.57 -9.76
C LEU A 228 -1.47 -8.37 -9.91
N GLY A 229 -1.93 -8.26 -11.16
CA GLY A 229 -3.36 -8.08 -11.39
C GLY A 229 -4.18 -9.24 -10.85
N ASN A 230 -3.73 -10.46 -11.12
CA ASN A 230 -4.45 -11.65 -10.68
C ASN A 230 -4.52 -11.74 -9.15
N LEU A 231 -3.47 -11.26 -8.49
CA LEU A 231 -3.40 -11.32 -7.03
C LEU A 231 -4.24 -10.25 -6.38
N GLY A 232 -4.63 -9.24 -7.17
CA GLY A 232 -5.45 -8.17 -6.65
C GLY A 232 -4.74 -6.85 -6.37
N TYR A 233 -3.47 -6.73 -6.74
CA TYR A 233 -2.77 -5.45 -6.61
C TYR A 233 -2.94 -4.62 -7.88
N ARG A 234 -2.66 -3.32 -7.78
CA ARG A 234 -2.85 -2.41 -8.92
C ARG A 234 -1.68 -1.47 -9.02
N ALA A 235 -1.08 -1.39 -10.21
CA ALA A 235 0.07 -0.52 -10.42
C ALA A 235 -0.33 0.78 -11.12
N SER A 236 0.44 1.85 -10.92
CA SER A 236 0.15 3.13 -11.57
C SER A 236 0.62 3.13 -13.03
N ALA A 237 -0.31 3.15 -13.97
CA ALA A 237 0.05 3.19 -15.39
C ALA A 237 0.74 4.50 -15.73
N LYS A 238 0.33 5.57 -15.05
CA LYS A 238 0.85 6.90 -15.36
C LYS A 238 2.33 7.03 -14.98
N LYS A 239 2.70 6.40 -13.86
CA LYS A 239 4.05 6.54 -13.34
C LYS A 239 4.99 5.41 -13.79
N ALA A 240 4.43 4.39 -14.43
CA ALA A 240 5.21 3.22 -14.82
C ALA A 240 6.39 3.56 -15.71
N GLN A 241 7.55 2.99 -15.38
CA GLN A 241 8.71 3.08 -16.25
C GLN A 241 9.01 1.69 -16.78
N ILE A 242 8.70 1.44 -18.05
CA ILE A 242 8.75 0.09 -18.57
C ILE A 242 9.91 -0.14 -19.55
N CYS A 243 10.72 -1.15 -19.24
CA CYS A 243 11.81 -1.60 -20.09
C CYS A 243 12.72 -0.46 -20.54
N GLN A 244 13.28 0.26 -19.58
CA GLN A 244 14.21 1.33 -19.88
C GLN A 244 15.60 0.94 -19.39
N LYS A 245 16.62 1.53 -19.99
CA LYS A 245 17.98 1.33 -19.51
C LYS A 245 18.28 2.37 -18.43
N GLN A 246 17.35 3.29 -18.26
CA GLN A 246 17.50 4.38 -17.30
C GLN A 246 16.18 4.60 -16.54
N VAL A 247 16.16 4.38 -15.23
CA VAL A 247 14.94 4.60 -14.46
C VAL A 247 15.15 5.34 -13.14
N LYS A 248 14.09 5.94 -12.62
CA LYS A 248 14.12 6.50 -11.28
C LYS A 248 13.46 5.52 -10.29
N TYR A 249 14.22 5.11 -9.28
CA TYR A 249 13.74 4.15 -8.29
C TYR A 249 14.25 4.52 -6.91
N LEU A 250 13.33 4.77 -5.98
CA LEU A 250 13.66 5.09 -4.59
C LEU A 250 14.58 6.30 -4.47
N GLY A 251 14.34 7.32 -5.30
CA GLY A 251 15.09 8.56 -5.23
C GLY A 251 16.42 8.51 -5.95
N TYR A 252 16.80 7.33 -6.41
CA TYR A 252 18.05 7.17 -7.18
C TYR A 252 17.76 7.24 -8.66
N LEU A 253 18.75 7.67 -9.45
CA LEU A 253 18.67 7.46 -10.89
C LEU A 253 19.53 6.26 -11.20
N LEU A 254 18.92 5.21 -11.73
CA LEU A 254 19.65 4.01 -12.09
C LEU A 254 20.07 4.08 -13.55
N LYS A 255 21.37 4.21 -13.78
CA LYS A 255 21.89 4.45 -15.12
C LYS A 255 23.30 3.91 -15.26
N GLU A 256 23.56 3.23 -16.37
CA GLU A 256 24.89 2.67 -16.65
C GLU A 256 25.41 1.82 -15.49
N GLY A 257 24.49 1.14 -14.81
CA GLY A 257 24.84 0.31 -13.67
C GLY A 257 25.18 1.10 -12.42
N GLN A 258 24.99 2.41 -12.49
CA GLN A 258 25.38 3.29 -11.40
C GLN A 258 24.22 3.69 -10.48
N ARG A 259 24.59 3.94 -9.23
CA ARG A 259 23.76 4.54 -8.18
C ARG A 259 22.78 3.56 -7.54
P DX B 6 16.48 13.96 18.56
OP1 DX B 6 17.14 13.12 17.52
O5' DX B 6 17.17 15.39 18.51
C5' DX B 6 17.08 16.17 17.30
C4' DX B 6 17.39 17.62 17.58
C3' DX B 6 18.55 17.87 18.57
O3' DX B 6 19.29 19.00 18.06
C2' DX B 6 17.85 18.21 19.87
C1' DX B 6 16.68 19.01 19.32
O4' DX B 6 16.24 18.27 18.18
N9 DX B 6 15.60 19.23 20.19
C4 DX B 6 14.67 20.39 20.26
N5 DX B 6 13.75 20.21 21.26
C7 DX B 6 13.89 18.98 21.97
C8 DX B 6 15.07 18.37 21.29
N3 DX B 6 14.71 21.43 19.51
C2 DX B 6 13.79 22.41 19.72
O2 DX B 6 13.74 23.45 19.05
N1 DX B 6 12.85 22.24 20.71
C6 DX B 6 12.79 21.14 21.51
O6 DX B 6 11.94 21.04 22.40
OP2 DX B 6 16.43 13.45 19.96
P DX B 7 20.80 18.81 17.60
OP1 DX B 7 20.84 17.74 16.56
O5' DX B 7 21.14 20.19 16.86
C5' DX B 7 20.31 20.65 15.77
C4' DX B 7 20.02 22.13 15.84
C3' DX B 7 21.18 23.04 16.28
O3' DX B 7 21.05 24.26 15.54
C2' DX B 7 20.93 23.25 17.77
C1' DX B 7 19.42 23.30 17.80
O4' DX B 7 18.96 22.40 16.79
N9 DX B 7 18.78 22.93 18.99
C4 DX B 7 17.72 23.63 19.77
N5 DX B 7 17.37 22.92 20.88
C7 DX B 7 18.09 21.68 21.04
C8 DX B 7 18.98 21.70 19.84
N3 DX B 7 17.19 24.75 19.44
C2 DX B 7 16.22 25.26 20.27
O2 DX B 7 15.66 26.32 20.05
N1 DX B 7 15.87 24.55 21.39
C6 DX B 7 16.42 23.36 21.74
O6 DX B 7 16.08 22.76 22.74
OP2 DX B 7 21.62 18.64 18.82
P 93D C 2 9.84 29.54 28.32
OP2 93D C 2 8.92 28.39 28.57
O5' 93D C 2 9.92 29.98 26.81
C5' 93D C 2 11.01 30.86 26.46
C4' 93D C 2 11.36 30.60 25.02
C3' 93D C 2 10.09 30.38 24.20
O3' 93D C 2 10.13 31.27 23.09
C2' 93D C 2 10.15 28.90 23.89
C1' 93D C 2 11.64 28.67 23.74
O4' 93D C 2 12.16 29.38 24.86
C1 93D C 2 12.08 27.27 23.83
C6 93D C 2 11.51 26.36 24.66
N5 93D C 2 11.97 24.94 24.74
C4 93D C 2 13.12 24.67 23.81
N3 93D C 2 13.63 25.62 23.02
C2 93D C 2 13.10 26.86 23.06
N2 93D C 2 13.68 27.77 22.22
N4 93D C 2 13.68 23.41 23.74
OP1 93D C 2 9.64 30.83 29.03
P 93D C 3 8.78 31.65 22.33
OP2 93D C 3 7.73 31.88 23.37
O5' 93D C 3 8.49 30.38 21.43
C5' 93D C 3 8.48 30.57 20.01
C4' 93D C 3 9.63 29.79 19.44
C3' 93D C 3 9.13 28.63 18.58
O3' 93D C 3 8.31 29.01 17.45
C2' 93D C 3 10.46 27.90 18.43
C1' 93D C 3 10.92 27.87 19.87
O4' 93D C 3 10.42 29.08 20.44
C1 93D C 3 10.45 26.70 20.66
C6 93D C 3 9.36 26.70 21.45
N5 93D C 3 8.91 25.52 22.24
C4 93D C 3 9.81 24.34 22.05
N3 93D C 3 10.88 24.40 21.24
C2 93D C 3 11.16 25.55 20.60
N2 93D C 3 12.27 25.50 19.81
N4 93D C 3 9.57 23.14 22.69
OP1 93D C 3 9.11 32.72 21.34
#